data_5UFS
#
_entry.id   5UFS
#
_cell.length_a   87.027
_cell.length_b   52.829
_cell.length_c   126.010
_cell.angle_alpha   90.000
_cell.angle_beta   101.780
_cell.angle_gamma   90.000
#
_symmetry.space_group_name_H-M   'C 1 2 1'
#
loop_
_entity.id
_entity.type
_entity.pdbx_description
1 polymer 'Ancestral Glucocorticoid Receptor2'
2 polymer 'SHP NR Box 1 Peptide'
3 non-polymer 'Triamcinolone acetonide'
4 water water
#
loop_
_entity_poly.entity_id
_entity_poly.type
_entity_poly.pdbx_seq_one_letter_code
_entity_poly.pdbx_strand_id
1 'polypeptide(L)'
;APTLISLLEVIEPEVLYSGYDSTLPDTSTRLMSTLNRLGGRQVVSAVKWAKALPGFRNLHLDDQMTLLQYSWMSLMAFSL
GWRSYKQSNGNMLCFAPDLVINEERMQLPYMYDQCQQMLKISSEFVRLQVSYDEYLCMKVLLLLSTVPKDGLKSQAVFDE
IRMTYIKELGKAIVKREGNSSQNWQRFYQLTKLLDSMHEMVGGLLQFCFYTFVNKSLSVEFPEMLAEIISNQLPKFKAGS
VKPLLFHQ
;
A,B
2 'polypeptide(L)' APAILYALLSS C,D
#
# COMPACT_ATOMS: atom_id res chain seq x y z
N ALA A 1 12.55 16.90 30.04
CA ALA A 1 12.71 17.39 28.68
C ALA A 1 13.73 16.55 27.91
N PRO A 2 13.27 15.65 27.02
CA PRO A 2 11.87 15.34 26.67
C PRO A 2 11.24 14.35 27.63
N THR A 3 9.92 14.43 27.78
CA THR A 3 9.21 13.40 28.53
C THR A 3 9.33 12.07 27.81
N LEU A 4 9.26 10.98 28.59
CA LEU A 4 9.32 9.65 27.99
C LEU A 4 8.13 9.42 27.07
N ILE A 5 6.93 9.87 27.47
CA ILE A 5 5.74 9.62 26.67
C ILE A 5 5.85 10.36 25.33
N SER A 6 6.40 11.57 25.33
CA SER A 6 6.56 12.30 24.08
C SER A 6 7.50 11.57 23.13
N LEU A 7 8.46 10.82 23.66
CA LEU A 7 9.37 10.07 22.81
C LEU A 7 8.66 8.85 22.22
N LEU A 8 7.79 8.20 22.99
CA LEU A 8 7.04 7.07 22.47
C LEU A 8 6.12 7.50 21.33
N GLU A 9 5.57 8.70 21.41
CA GLU A 9 4.68 9.19 20.37
C GLU A 9 5.42 9.39 19.05
N VAL A 10 6.65 9.90 19.09
CA VAL A 10 7.36 10.23 17.86
C VAL A 10 8.01 9.01 17.22
N ILE A 11 8.25 7.93 17.96
CA ILE A 11 8.84 6.72 17.39
C ILE A 11 7.80 5.69 16.99
N GLU A 12 6.52 5.97 17.18
CA GLU A 12 5.49 5.03 16.77
C GLU A 12 5.57 4.80 15.27
N PRO A 13 5.61 3.55 14.79
CA PRO A 13 5.72 3.32 13.34
C PRO A 13 4.51 3.86 12.60
N GLU A 14 4.76 4.40 11.42
CA GLU A 14 3.68 4.80 10.53
C GLU A 14 2.98 3.56 9.97
N VAL A 15 1.69 3.71 9.69
CA VAL A 15 0.90 2.58 9.20
C VAL A 15 1.31 2.24 7.78
N LEU A 16 1.43 0.94 7.50
CA LEU A 16 1.82 0.44 6.19
C LEU A 16 0.59 -0.02 5.42
N TYR A 17 0.68 0.05 4.10
CA TYR A 17 -0.38 -0.40 3.20
C TYR A 17 -0.08 -1.81 2.70
N SER A 18 -1.14 -2.51 2.30
CA SER A 18 -1.02 -3.91 1.89
C SER A 18 -0.87 -4.08 0.38
N GLY A 19 -1.35 -3.13 -0.41
CA GLY A 19 -1.39 -3.32 -1.86
C GLY A 19 -2.33 -4.40 -2.31
N TYR A 20 -3.23 -4.85 -1.43
CA TYR A 20 -4.13 -5.95 -1.76
C TYR A 20 -4.98 -5.62 -2.98
N ASP A 21 -5.17 -6.62 -3.84
CA ASP A 21 -5.93 -6.47 -5.08
C ASP A 21 -7.32 -7.04 -4.84
N SER A 22 -8.29 -6.14 -4.67
CA SER A 22 -9.68 -6.54 -4.42
C SER A 22 -10.54 -6.53 -5.68
N THR A 23 -9.93 -6.44 -6.86
CA THR A 23 -10.70 -6.45 -8.10
C THR A 23 -11.57 -7.69 -8.19
N LEU A 24 -11.02 -8.86 -7.86
CA LEU A 24 -11.72 -10.13 -7.93
C LEU A 24 -12.05 -10.64 -6.53
N PRO A 25 -12.95 -11.61 -6.42
CA PRO A 25 -13.36 -12.09 -5.09
C PRO A 25 -12.19 -12.54 -4.24
N ASP A 26 -12.35 -12.44 -2.93
CA ASP A 26 -11.31 -12.83 -2.00
C ASP A 26 -11.19 -14.35 -1.93
N THR A 27 -9.98 -14.81 -1.61
CA THR A 27 -9.74 -16.20 -1.28
C THR A 27 -8.95 -16.25 0.03
N SER A 28 -9.20 -17.28 0.83
CA SER A 28 -8.49 -17.41 2.09
C SER A 28 -6.98 -17.46 1.87
N THR A 29 -6.55 -18.11 0.79
CA THR A 29 -5.12 -18.22 0.51
C THR A 29 -4.52 -16.86 0.17
N ARG A 30 -5.11 -16.15 -0.79
CA ARG A 30 -4.57 -14.85 -1.19
C ARG A 30 -4.62 -13.86 -0.04
N LEU A 31 -5.63 -13.96 0.82
CA LEU A 31 -5.77 -13.02 1.92
C LEU A 31 -4.73 -13.27 3.01
N MET A 32 -4.54 -14.54 3.38
CA MET A 32 -3.54 -14.86 4.41
C MET A 32 -2.13 -14.55 3.92
N SER A 33 -1.84 -14.85 2.65
CA SER A 33 -0.52 -14.54 2.11
C SER A 33 -0.25 -13.05 2.10
N THR A 34 -1.25 -12.26 1.68
CA THR A 34 -1.08 -10.80 1.69
C THR A 34 -0.87 -10.29 3.10
N LEU A 35 -1.59 -10.85 4.08
CA LEU A 35 -1.46 -10.40 5.46
C LEU A 35 -0.09 -10.75 6.03
N ASN A 36 0.45 -11.92 5.68
CA ASN A 36 1.78 -12.30 6.16
C ASN A 36 2.85 -11.38 5.60
N ARG A 37 2.78 -11.06 4.30
CA ARG A 37 3.72 -10.09 3.74
C ARG A 37 3.63 -8.76 4.46
N LEU A 38 2.42 -8.26 4.66
CA LEU A 38 2.23 -7.04 5.46
C LEU A 38 2.78 -7.22 6.86
N GLY A 39 2.56 -8.40 7.46
CA GLY A 39 3.03 -8.64 8.81
C GLY A 39 4.54 -8.60 8.91
N GLY A 40 5.23 -9.23 7.94
CA GLY A 40 6.68 -9.19 7.94
C GLY A 40 7.22 -7.78 7.90
N ARG A 41 6.58 -6.90 7.12
CA ARG A 41 7.03 -5.51 7.03
C ARG A 41 6.77 -4.76 8.32
N GLN A 42 5.64 -5.04 8.97
CA GLN A 42 5.34 -4.38 10.24
C GLN A 42 6.30 -4.82 11.34
N VAL A 43 6.78 -6.06 11.30
CA VAL A 43 7.73 -6.53 12.30
C VAL A 43 9.08 -5.83 12.12
N VAL A 44 9.50 -5.63 10.87
CA VAL A 44 10.72 -4.88 10.61
C VAL A 44 10.60 -3.48 11.22
N SER A 45 9.47 -2.81 11.00
CA SER A 45 9.24 -1.52 11.63
C SER A 45 9.23 -1.63 13.15
N ALA A 46 8.71 -2.74 13.69
CA ALA A 46 8.67 -2.92 15.13
C ALA A 46 10.09 -3.04 15.71
N VAL A 47 11.00 -3.66 14.95
CA VAL A 47 12.39 -3.74 15.41
C VAL A 47 13.02 -2.36 15.44
N LYS A 48 12.83 -1.59 14.37
CA LYS A 48 13.26 -0.19 14.36
C LYS A 48 12.69 0.56 15.56
N TRP A 49 11.42 0.34 15.87
CA TRP A 49 10.79 0.97 17.02
C TRP A 49 11.44 0.54 18.33
N ALA A 50 11.66 -0.77 18.49
CA ALA A 50 12.20 -1.28 19.75
C ALA A 50 13.62 -0.75 20.00
N LYS A 51 14.41 -0.62 18.93
CA LYS A 51 15.77 -0.12 19.08
C LYS A 51 15.80 1.33 19.55
N ALA A 52 14.72 2.09 19.33
CA ALA A 52 14.65 3.48 19.76
C ALA A 52 14.04 3.64 21.14
N LEU A 53 13.52 2.57 21.73
CA LEU A 53 12.98 2.66 23.08
C LEU A 53 14.12 2.91 24.07
N PRO A 54 14.03 3.96 24.90
CA PRO A 54 15.07 4.14 25.93
C PRO A 54 15.19 2.91 26.82
N GLY A 55 16.42 2.42 26.96
CA GLY A 55 16.73 1.28 27.79
C GLY A 55 16.83 -0.03 27.04
N PHE A 56 16.16 -0.16 25.90
CA PHE A 56 16.08 -1.45 25.23
C PHE A 56 17.46 -1.94 24.79
N ARG A 57 18.24 -1.05 24.18
CA ARG A 57 19.56 -1.46 23.68
C ARG A 57 20.58 -1.63 24.80
N ASN A 58 20.23 -1.35 26.05
CA ASN A 58 21.08 -1.73 27.16
C ASN A 58 21.02 -3.23 27.46
N LEU A 59 20.07 -3.94 26.86
CA LEU A 59 19.98 -5.39 27.01
C LEU A 59 21.00 -6.08 26.10
N HIS A 60 21.41 -7.27 26.52
CA HIS A 60 22.23 -8.12 25.66
C HIS A 60 21.50 -8.36 24.35
N LEU A 61 22.25 -8.40 23.25
CA LEU A 61 21.65 -8.60 21.93
C LEU A 61 20.75 -9.84 21.92
N ASP A 62 21.22 -10.93 22.52
CA ASP A 62 20.40 -12.15 22.57
C ASP A 62 19.08 -11.90 23.27
N ASP A 63 19.07 -11.01 24.28
CA ASP A 63 17.82 -10.69 24.97
C ASP A 63 16.92 -9.81 24.10
N GLN A 64 17.50 -8.85 23.38
CA GLN A 64 16.71 -8.05 22.45
C GLN A 64 16.04 -8.94 21.42
N MET A 65 16.76 -9.94 20.92
CA MET A 65 16.21 -10.83 19.90
C MET A 65 15.14 -11.73 20.50
N THR A 66 15.37 -12.24 21.72
CA THR A 66 14.39 -13.09 22.37
C THR A 66 13.06 -12.36 22.57
N LEU A 67 13.12 -11.14 23.13
CA LEU A 67 11.90 -10.41 23.44
C LEU A 67 11.08 -10.14 22.19
N LEU A 68 11.72 -9.65 21.13
CA LEU A 68 11.01 -9.39 19.88
C LEU A 68 10.50 -10.70 19.27
N GLN A 69 11.28 -11.77 19.39
CA GLN A 69 10.88 -13.05 18.84
C GLN A 69 9.70 -13.65 19.60
N TYR A 70 9.61 -13.42 20.91
CA TYR A 70 8.54 -14.00 21.71
C TYR A 70 7.26 -13.18 21.69
N SER A 71 7.33 -11.90 21.32
CA SER A 71 6.20 -11.00 21.47
C SER A 71 5.71 -10.37 20.18
N TRP A 72 6.24 -10.76 19.02
CA TRP A 72 5.90 -10.05 17.78
C TRP A 72 4.41 -10.16 17.48
N MET A 73 3.80 -11.33 17.70
CA MET A 73 2.38 -11.48 17.41
C MET A 73 1.54 -10.58 18.32
N SER A 74 1.90 -10.48 19.60
CA SER A 74 1.12 -9.66 20.51
C SER A 74 1.24 -8.18 20.15
N LEU A 75 2.42 -7.75 19.69
CA LEU A 75 2.59 -6.38 19.23
C LEU A 75 1.71 -6.09 18.02
N MET A 76 1.74 -6.98 17.02
CA MET A 76 0.97 -6.75 15.81
C MET A 76 -0.53 -6.76 16.10
N ALA A 77 -0.99 -7.68 16.95
CA ALA A 77 -2.41 -7.78 17.24
C ALA A 77 -2.88 -6.62 18.10
N PHE A 78 -2.03 -6.13 19.01
CA PHE A 78 -2.39 -4.98 19.83
C PHE A 78 -2.50 -3.71 18.97
N SER A 79 -1.58 -3.55 18.01
CA SER A 79 -1.64 -2.39 17.13
C SER A 79 -2.83 -2.48 16.19
N LEU A 80 -3.12 -3.68 15.67
CA LEU A 80 -4.33 -3.87 14.88
C LEU A 80 -5.57 -3.48 15.69
N GLY A 81 -5.63 -3.93 16.94
CA GLY A 81 -6.74 -3.55 17.79
C GLY A 81 -6.89 -2.04 17.91
N TRP A 82 -5.78 -1.33 18.02
CA TRP A 82 -5.83 0.12 18.16
C TRP A 82 -6.32 0.78 16.86
N ARG A 83 -5.74 0.38 15.73
CA ARG A 83 -6.18 0.94 14.45
C ARG A 83 -7.67 0.69 14.22
N SER A 84 -8.14 -0.50 14.57
CA SER A 84 -9.56 -0.82 14.40
C SER A 84 -10.43 -0.02 15.35
N TYR A 85 -9.91 0.31 16.54
CA TYR A 85 -10.66 1.09 17.51
C TYR A 85 -10.84 2.53 17.03
N LYS A 86 -9.80 3.11 16.42
CA LYS A 86 -9.88 4.49 15.98
C LYS A 86 -10.59 4.64 14.64
N GLN A 87 -10.55 3.62 13.80
CA GLN A 87 -11.14 3.75 12.46
C GLN A 87 -12.63 3.41 12.49
N SER A 88 -12.99 2.26 13.07
CA SER A 88 -14.35 1.76 13.01
C SER A 88 -14.95 1.51 14.39
N ASN A 89 -14.32 2.00 15.46
CA ASN A 89 -14.82 1.78 16.81
C ASN A 89 -14.89 0.29 17.16
N GLY A 90 -14.06 -0.51 16.51
CA GLY A 90 -14.01 -1.94 16.76
C GLY A 90 -14.97 -2.77 15.96
N ASN A 91 -15.63 -2.19 14.95
CA ASN A 91 -16.58 -2.96 14.14
C ASN A 91 -15.88 -3.72 13.02
N MET A 92 -14.73 -3.25 12.56
CA MET A 92 -13.99 -3.89 11.49
C MET A 92 -12.52 -3.97 11.88
N LEU A 93 -11.80 -4.90 11.26
CA LEU A 93 -10.37 -5.07 11.48
C LEU A 93 -9.61 -4.28 10.43
N CYS A 94 -8.92 -3.22 10.85
CA CYS A 94 -8.17 -2.37 9.94
C CYS A 94 -6.72 -2.85 9.89
N PHE A 95 -6.50 -3.95 9.18
CA PHE A 95 -5.14 -4.43 8.94
C PHE A 95 -4.31 -3.35 8.25
N ALA A 96 -4.90 -2.67 7.27
CA ALA A 96 -4.26 -1.55 6.59
C ALA A 96 -5.36 -0.68 5.99
N PRO A 97 -5.07 0.57 5.68
CA PRO A 97 -6.10 1.43 5.09
C PRO A 97 -6.71 0.86 3.83
N ASP A 98 -5.95 0.09 3.05
CA ASP A 98 -6.45 -0.53 1.83
C ASP A 98 -6.79 -2.00 2.01
N LEU A 99 -6.96 -2.44 3.27
CA LEU A 99 -7.35 -3.83 3.54
C LEU A 99 -8.09 -3.84 4.88
N VAL A 100 -9.39 -3.54 4.80
CA VAL A 100 -10.28 -3.56 5.95
C VAL A 100 -11.14 -4.82 5.87
N ILE A 101 -11.23 -5.55 6.97
CA ILE A 101 -11.93 -6.83 7.02
C ILE A 101 -13.17 -6.62 7.87
N ASN A 102 -14.33 -6.54 7.21
CA ASN A 102 -15.60 -6.44 7.90
C ASN A 102 -16.14 -7.84 8.20
N GLU A 103 -17.32 -7.89 8.84
CA GLU A 103 -17.87 -9.17 9.26
C GLU A 103 -18.11 -10.12 8.09
N GLU A 104 -18.28 -9.60 6.88
CA GLU A 104 -18.51 -10.45 5.72
C GLU A 104 -17.22 -11.19 5.32
N ARG A 105 -16.14 -10.44 5.09
CA ARG A 105 -14.90 -11.05 4.63
C ARG A 105 -14.33 -12.03 5.65
N MET A 106 -14.75 -11.95 6.92
CA MET A 106 -14.33 -12.92 7.91
C MET A 106 -14.97 -14.29 7.67
N GLN A 107 -16.01 -14.37 6.85
CA GLN A 107 -16.71 -15.62 6.59
C GLN A 107 -15.97 -16.46 5.56
N LEU A 108 -14.66 -16.60 5.73
CA LEU A 108 -13.83 -17.40 4.84
C LEU A 108 -13.18 -18.52 5.64
N PRO A 109 -12.78 -19.60 4.97
CA PRO A 109 -12.08 -20.68 5.68
C PRO A 109 -10.85 -20.13 6.41
N TYR A 110 -10.63 -20.62 7.63
CA TYR A 110 -9.44 -20.31 8.41
C TYR A 110 -9.42 -18.87 8.93
N MET A 111 -10.37 -18.04 8.49
CA MET A 111 -10.35 -16.62 8.83
C MET A 111 -11.19 -16.29 10.05
N TYR A 112 -12.36 -16.91 10.19
CA TYR A 112 -13.37 -16.40 11.11
C TYR A 112 -12.89 -16.45 12.56
N ASP A 113 -12.45 -17.63 13.02
CA ASP A 113 -12.11 -17.78 14.43
C ASP A 113 -11.02 -16.79 14.85
N GLN A 114 -9.99 -16.63 14.02
CA GLN A 114 -8.88 -15.75 14.40
C GLN A 114 -9.30 -14.29 14.35
N CYS A 115 -10.13 -13.91 13.38
CA CYS A 115 -10.58 -12.53 13.28
C CYS A 115 -11.51 -12.15 14.43
N GLN A 116 -12.33 -13.09 14.91
CA GLN A 116 -13.17 -12.81 16.06
C GLN A 116 -12.32 -12.58 17.30
N GLN A 117 -11.21 -13.32 17.44
CA GLN A 117 -10.34 -13.13 18.58
C GLN A 117 -9.69 -11.74 18.55
N MET A 118 -9.39 -11.24 17.35
CA MET A 118 -8.78 -9.93 17.23
C MET A 118 -9.79 -8.81 17.39
N LEU A 119 -11.04 -9.03 17.00
CA LEU A 119 -12.09 -8.07 17.31
C LEU A 119 -12.23 -7.88 18.81
N LYS A 120 -12.06 -8.96 19.58
CA LYS A 120 -12.19 -8.87 21.03
C LYS A 120 -11.13 -7.97 21.64
N ILE A 121 -9.95 -7.91 21.03
CA ILE A 121 -8.92 -6.98 21.50
C ILE A 121 -9.37 -5.55 21.26
N SER A 122 -9.91 -5.27 20.07
CA SER A 122 -10.38 -3.92 19.77
C SER A 122 -11.53 -3.51 20.68
N SER A 123 -12.42 -4.46 21.01
CA SER A 123 -13.56 -4.13 21.87
C SER A 123 -13.12 -3.79 23.28
N GLU A 124 -11.94 -4.26 23.71
CA GLU A 124 -11.44 -3.89 25.03
C GLU A 124 -11.02 -2.43 25.07
N PHE A 125 -10.41 -1.93 24.00
CA PHE A 125 -10.13 -0.49 23.92
C PHE A 125 -11.43 0.30 24.01
N VAL A 126 -12.50 -0.20 23.40
CA VAL A 126 -13.79 0.49 23.45
C VAL A 126 -14.34 0.49 24.87
N ARG A 127 -14.41 -0.69 25.49
CA ARG A 127 -14.98 -0.79 26.83
C ARG A 127 -14.21 0.08 27.83
N LEU A 128 -12.89 0.05 27.77
CA LEU A 128 -12.06 0.77 28.72
C LEU A 128 -11.74 2.20 28.30
N GLN A 129 -12.10 2.59 27.07
CA GLN A 129 -11.84 3.93 26.57
C GLN A 129 -10.36 4.28 26.74
N VAL A 130 -9.50 3.39 26.22
CA VAL A 130 -8.06 3.56 26.35
C VAL A 130 -7.60 4.81 25.62
N SER A 131 -6.72 5.58 26.25
CA SER A 131 -6.13 6.73 25.61
C SER A 131 -4.91 6.32 24.79
N TYR A 132 -4.49 7.21 23.89
CA TYR A 132 -3.33 6.92 23.05
C TYR A 132 -2.08 6.69 23.90
N ASP A 133 -1.86 7.53 24.91
CA ASP A 133 -0.68 7.39 25.76
C ASP A 133 -0.75 6.11 26.58
N GLU A 134 -1.93 5.76 27.10
CA GLU A 134 -2.08 4.47 27.75
C GLU A 134 -1.73 3.33 26.80
N TYR A 135 -2.18 3.44 25.54
CA TYR A 135 -1.90 2.41 24.55
C TYR A 135 -0.41 2.29 24.26
N LEU A 136 0.29 3.43 24.14
CA LEU A 136 1.72 3.39 23.83
C LEU A 136 2.50 2.73 24.96
N CYS A 137 2.11 3.03 26.21
CA CYS A 137 2.80 2.43 27.35
C CYS A 137 2.51 0.93 27.46
N MET A 138 1.25 0.53 27.23
CA MET A 138 0.91 -0.88 27.28
C MET A 138 1.64 -1.67 26.21
N LYS A 139 1.82 -1.07 25.02
CA LYS A 139 2.47 -1.79 23.93
C LYS A 139 3.94 -2.06 24.24
N VAL A 140 4.61 -1.16 24.95
CA VAL A 140 5.98 -1.44 25.39
C VAL A 140 6.00 -2.60 26.37
N LEU A 141 5.01 -2.65 27.27
CA LEU A 141 4.98 -3.73 28.25
C LEU A 141 4.74 -5.08 27.58
N LEU A 142 4.01 -5.11 26.47
CA LEU A 142 3.86 -6.37 25.72
C LEU A 142 5.21 -6.87 25.23
N LEU A 143 6.03 -5.98 24.68
CA LEU A 143 7.38 -6.36 24.26
C LEU A 143 8.16 -6.97 25.42
N LEU A 144 7.81 -6.61 26.65
CA LEU A 144 8.51 -7.06 27.85
C LEU A 144 7.67 -8.01 28.69
N SER A 145 6.78 -8.78 28.07
CA SER A 145 5.85 -9.62 28.80
C SER A 145 6.03 -11.12 28.57
N THR A 146 6.93 -11.53 27.67
CA THR A 146 7.16 -12.94 27.41
C THR A 146 8.66 -13.19 27.40
N VAL A 147 9.12 -14.10 28.26
CA VAL A 147 10.55 -14.34 28.45
C VAL A 147 10.82 -15.84 28.50
N PRO A 148 12.08 -16.27 28.37
CA PRO A 148 12.38 -17.71 28.51
C PRO A 148 12.19 -18.17 29.95
N LYS A 149 11.81 -19.44 30.08
CA LYS A 149 11.66 -20.02 31.41
C LYS A 149 12.98 -19.98 32.17
N ASP A 150 14.11 -20.02 31.47
CA ASP A 150 15.43 -19.97 32.09
C ASP A 150 15.96 -18.56 32.27
N GLY A 151 15.13 -17.54 32.05
CA GLY A 151 15.53 -16.17 32.27
C GLY A 151 16.35 -15.60 31.13
N LEU A 152 16.60 -14.30 31.23
CA LEU A 152 17.37 -13.57 30.23
C LEU A 152 18.85 -13.48 30.63
N LYS A 153 19.68 -13.11 29.67
CA LYS A 153 21.10 -12.96 29.94
C LYS A 153 21.39 -11.73 30.78
N SER A 154 20.56 -10.69 30.67
CA SER A 154 20.69 -9.46 31.44
C SER A 154 19.40 -9.22 32.21
N GLN A 155 19.12 -10.09 33.19
CA GLN A 155 17.86 -10.02 33.91
C GLN A 155 17.74 -8.73 34.71
N ALA A 156 18.83 -8.30 35.35
CA ALA A 156 18.80 -7.08 36.14
C ALA A 156 18.37 -5.89 35.31
N VAL A 157 19.01 -5.71 34.15
CA VAL A 157 18.63 -4.63 33.25
C VAL A 157 17.16 -4.76 32.86
N PHE A 158 16.74 -5.98 32.50
CA PHE A 158 15.37 -6.20 32.06
C PHE A 158 14.38 -5.80 33.14
N ASP A 159 14.63 -6.22 34.38
CA ASP A 159 13.68 -5.93 35.46
C ASP A 159 13.49 -4.43 35.63
N GLU A 160 14.57 -3.66 35.50
CA GLU A 160 14.46 -2.22 35.75
C GLU A 160 13.77 -1.51 34.59
N ILE A 161 14.05 -1.91 33.36
CA ILE A 161 13.37 -1.29 32.22
C ILE A 161 11.88 -1.58 32.28
N ARG A 162 11.51 -2.78 32.71
CA ARG A 162 10.10 -3.13 32.79
C ARG A 162 9.39 -2.27 33.83
N MET A 163 10.05 -1.99 34.95
CA MET A 163 9.45 -1.12 35.95
C MET A 163 9.39 0.33 35.47
N THR A 164 10.38 0.77 34.70
CA THR A 164 10.35 2.12 34.14
C THR A 164 9.07 2.36 33.36
N TYR A 165 8.65 1.39 32.55
CA TYR A 165 7.47 1.57 31.71
C TYR A 165 6.17 1.22 32.43
N ILE A 166 6.23 0.39 33.47
CA ILE A 166 5.08 0.26 34.37
C ILE A 166 4.78 1.61 35.01
N LYS A 167 5.81 2.32 35.47
CA LYS A 167 5.61 3.65 36.03
C LYS A 167 5.10 4.61 34.97
N GLU A 168 5.60 4.50 33.74
CA GLU A 168 5.14 5.40 32.68
C GLU A 168 3.66 5.20 32.40
N LEU A 169 3.19 3.94 32.41
CA LEU A 169 1.76 3.69 32.28
C LEU A 169 0.98 4.38 33.38
N GLY A 170 1.51 4.37 34.61
CA GLY A 170 0.88 5.11 35.70
C GLY A 170 0.75 6.58 35.40
N LYS A 171 1.83 7.19 34.89
CA LYS A 171 1.76 8.60 34.51
C LYS A 171 0.68 8.84 33.49
N ALA A 172 0.55 7.94 32.50
CA ALA A 172 -0.51 8.08 31.51
C ALA A 172 -1.88 8.02 32.17
N ILE A 173 -2.02 7.19 33.21
CA ILE A 173 -3.29 7.10 33.92
C ILE A 173 -3.57 8.39 34.67
N VAL A 174 -2.60 8.85 35.47
CA VAL A 174 -2.79 10.06 36.27
C VAL A 174 -3.21 11.23 35.38
N LYS A 175 -2.79 11.21 34.10
CA LYS A 175 -3.16 12.28 33.18
C LYS A 175 -4.66 12.39 33.00
N ARG A 176 -5.43 11.35 33.32
CA ARG A 176 -6.87 11.37 33.16
C ARG A 176 -7.59 12.14 34.26
N GLU A 177 -6.84 12.73 35.21
CA GLU A 177 -7.42 13.58 36.25
C GLU A 177 -8.36 12.79 37.16
N GLY A 178 -7.87 11.66 37.68
CA GLY A 178 -8.58 10.87 38.66
C GLY A 178 -7.88 10.91 40.00
N ASN A 179 -8.60 10.48 41.03
CA ASN A 179 -8.03 10.44 42.37
C ASN A 179 -7.24 9.15 42.56
N SER A 180 -6.68 8.98 43.76
CA SER A 180 -5.80 7.84 44.00
C SER A 180 -6.55 6.52 43.82
N SER A 181 -7.72 6.39 44.46
CA SER A 181 -8.46 5.13 44.37
C SER A 181 -8.84 4.82 42.93
N GLN A 182 -9.23 5.84 42.16
CA GLN A 182 -9.58 5.63 40.77
C GLN A 182 -8.37 5.22 39.93
N ASN A 183 -7.23 5.87 40.15
CA ASN A 183 -6.05 5.56 39.36
C ASN A 183 -5.57 4.13 39.60
N TRP A 184 -5.73 3.63 40.83
CA TRP A 184 -5.33 2.25 41.11
C TRP A 184 -6.28 1.26 40.45
N GLN A 185 -7.58 1.54 40.48
CA GLN A 185 -8.53 0.67 39.79
C GLN A 185 -8.31 0.71 38.28
N ARG A 186 -8.01 1.89 37.73
CA ARG A 186 -7.67 2.00 36.32
C ARG A 186 -6.44 1.15 36.00
N PHE A 187 -5.39 1.28 36.81
CA PHE A 187 -4.20 0.47 36.63
C PHE A 187 -4.53 -1.02 36.68
N TYR A 188 -5.40 -1.40 37.63
CA TYR A 188 -5.81 -2.80 37.73
C TYR A 188 -6.47 -3.28 36.45
N GLN A 189 -7.37 -2.47 35.89
CA GLN A 189 -8.10 -2.88 34.69
C GLN A 189 -7.16 -3.00 33.49
N LEU A 190 -6.14 -2.14 33.40
CA LEU A 190 -5.24 -2.18 32.26
C LEU A 190 -4.24 -3.32 32.37
N THR A 191 -3.72 -3.59 33.56
CA THR A 191 -2.85 -4.75 33.74
C THR A 191 -3.62 -6.06 33.58
N LYS A 192 -4.94 -6.04 33.76
CA LYS A 192 -5.73 -7.22 33.44
C LYS A 192 -5.87 -7.41 31.94
N LEU A 193 -6.05 -6.31 31.20
CA LEU A 193 -6.09 -6.39 29.74
C LEU A 193 -4.77 -6.93 29.19
N LEU A 194 -3.64 -6.49 29.76
CA LEU A 194 -2.34 -6.98 29.31
C LEU A 194 -2.22 -8.48 29.56
N ASP A 195 -2.66 -8.95 30.72
CA ASP A 195 -2.59 -10.38 31.02
C ASP A 195 -3.43 -11.18 30.05
N SER A 196 -4.62 -10.68 29.70
CA SER A 196 -5.50 -11.41 28.79
C SER A 196 -4.91 -11.54 27.40
N MET A 197 -3.94 -10.69 27.04
CA MET A 197 -3.33 -10.79 25.72
C MET A 197 -2.61 -12.12 25.52
N HIS A 198 -2.10 -12.71 26.60
CA HIS A 198 -1.35 -13.96 26.46
C HIS A 198 -2.23 -15.08 25.92
N GLU A 199 -3.45 -15.19 26.42
CA GLU A 199 -4.35 -16.24 25.95
C GLU A 199 -4.93 -15.89 24.58
N MET A 200 -5.35 -14.63 24.39
CA MET A 200 -5.92 -14.25 23.09
C MET A 200 -4.88 -14.34 21.99
N VAL A 201 -3.61 -14.07 22.29
CA VAL A 201 -2.54 -14.22 21.30
C VAL A 201 -2.13 -15.67 21.14
N GLY A 202 -2.34 -16.51 22.16
CA GLY A 202 -1.97 -17.92 22.04
C GLY A 202 -2.64 -18.59 20.86
N GLY A 203 -3.97 -18.41 20.72
CA GLY A 203 -4.68 -19.00 19.61
C GLY A 203 -4.24 -18.45 18.26
N LEU A 204 -3.85 -17.18 18.22
CA LEU A 204 -3.35 -16.60 16.97
C LEU A 204 -2.02 -17.23 16.59
N LEU A 205 -1.15 -17.47 17.57
CA LEU A 205 0.15 -18.07 17.28
C LEU A 205 0.01 -19.54 16.93
N GLN A 206 -0.81 -20.28 17.69
CA GLN A 206 -1.05 -21.69 17.36
C GLN A 206 -1.52 -21.85 15.93
N PHE A 207 -2.38 -20.94 15.46
CA PHE A 207 -2.88 -21.03 14.10
C PHE A 207 -1.85 -20.56 13.08
N CYS A 208 -1.03 -19.57 13.44
CA CYS A 208 0.06 -19.16 12.56
C CYS A 208 1.02 -20.31 12.32
N PHE A 209 1.40 -21.01 13.39
CA PHE A 209 2.26 -22.18 13.24
C PHE A 209 1.59 -23.23 12.35
N TYR A 210 0.28 -23.41 12.51
CA TYR A 210 -0.43 -24.41 11.71
C TYR A 210 -0.30 -24.13 10.23
N THR A 211 -0.61 -22.89 9.81
CA THR A 211 -0.52 -22.53 8.39
C THR A 211 0.91 -22.52 7.90
N PHE A 212 1.90 -22.39 8.78
CA PHE A 212 3.30 -22.36 8.36
C PHE A 212 3.85 -23.77 8.17
N VAL A 213 3.45 -24.72 9.00
CA VAL A 213 4.00 -26.07 8.93
C VAL A 213 3.32 -26.87 7.82
N ASN A 214 2.01 -26.72 7.66
CA ASN A 214 1.25 -27.47 6.65
C ASN A 214 1.34 -26.73 5.33
N LYS A 215 2.33 -27.09 4.52
CA LYS A 215 2.54 -26.46 3.22
C LYS A 215 1.41 -26.72 2.24
N SER A 216 0.48 -27.64 2.56
CA SER A 216 -0.62 -27.95 1.66
C SER A 216 -1.54 -26.76 1.46
N LEU A 217 -1.64 -25.88 2.46
CA LEU A 217 -2.54 -24.73 2.39
C LEU A 217 -2.07 -23.67 1.41
N SER A 218 -0.83 -23.76 0.93
CA SER A 218 -0.28 -22.80 -0.04
C SER A 218 -0.25 -21.38 0.52
N VAL A 219 -0.07 -21.24 1.83
CA VAL A 219 0.03 -19.94 2.46
C VAL A 219 1.49 -19.49 2.41
N GLU A 220 1.71 -18.30 1.88
CA GLU A 220 3.06 -17.77 1.73
C GLU A 220 3.45 -16.93 2.94
N PHE A 221 4.68 -17.10 3.39
CA PHE A 221 5.26 -16.31 4.48
C PHE A 221 6.51 -15.59 4.00
N PRO A 222 6.72 -14.34 4.40
CA PRO A 222 7.98 -13.67 4.07
C PRO A 222 9.13 -14.28 4.86
N GLU A 223 10.34 -14.08 4.36
CA GLU A 223 11.52 -14.66 4.99
C GLU A 223 11.65 -14.19 6.45
N MET A 224 11.35 -12.93 6.72
CA MET A 224 11.42 -12.40 8.07
C MET A 224 10.60 -13.26 9.04
N LEU A 225 9.35 -13.54 8.69
CA LEU A 225 8.49 -14.34 9.57
C LEU A 225 8.87 -15.81 9.54
N ALA A 226 9.23 -16.33 8.36
CA ALA A 226 9.63 -17.73 8.28
C ALA A 226 10.77 -18.03 9.22
N GLU A 227 11.79 -17.17 9.24
CA GLU A 227 12.93 -17.40 10.13
C GLU A 227 12.50 -17.35 11.59
N ILE A 228 11.69 -16.36 11.96
CA ILE A 228 11.27 -16.22 13.35
C ILE A 228 10.39 -17.40 13.76
N ILE A 229 9.42 -17.74 12.91
CA ILE A 229 8.47 -18.80 13.25
C ILE A 229 9.20 -20.13 13.45
N SER A 230 10.09 -20.49 12.52
CA SER A 230 10.75 -21.78 12.60
C SER A 230 11.66 -21.86 13.83
N ASN A 231 12.32 -20.76 14.17
CA ASN A 231 13.17 -20.74 15.36
C ASN A 231 12.33 -20.69 16.63
N GLN A 232 11.17 -20.03 16.58
CA GLN A 232 10.27 -19.93 17.72
C GLN A 232 9.49 -21.21 17.98
N LEU A 233 9.30 -22.04 16.95
CA LEU A 233 8.40 -23.18 17.07
C LEU A 233 8.87 -24.20 18.09
N PRO A 234 10.10 -24.72 18.02
CA PRO A 234 10.50 -25.76 18.99
C PRO A 234 10.52 -25.27 20.43
N LYS A 235 10.58 -23.96 20.67
CA LYS A 235 10.59 -23.45 22.03
C LYS A 235 9.21 -23.54 22.68
N PHE A 236 8.15 -23.35 21.90
CA PHE A 236 6.80 -23.39 22.47
C PHE A 236 6.40 -24.82 22.83
N LYS A 237 6.48 -25.73 21.86
CA LYS A 237 6.12 -27.12 22.13
C LYS A 237 6.97 -27.73 23.23
N ALA A 238 8.16 -27.16 23.49
CA ALA A 238 8.99 -27.61 24.60
C ALA A 238 8.56 -27.02 25.93
N GLY A 239 7.70 -26.02 25.93
CA GLY A 239 7.22 -25.42 27.17
C GLY A 239 8.24 -24.56 27.87
N SER A 240 9.11 -23.87 27.12
CA SER A 240 10.15 -23.02 27.69
C SER A 240 9.81 -21.54 27.60
N VAL A 241 8.58 -21.20 27.24
CA VAL A 241 8.13 -19.82 27.13
C VAL A 241 7.18 -19.55 28.28
N LYS A 242 7.53 -18.59 29.14
CA LYS A 242 6.70 -18.23 30.27
C LYS A 242 6.23 -16.79 30.13
N PRO A 243 4.94 -16.52 30.21
CA PRO A 243 4.47 -15.13 30.22
C PRO A 243 4.63 -14.51 31.60
N LEU A 244 4.82 -13.19 31.59
CA LEU A 244 4.91 -12.41 32.81
C LEU A 244 3.54 -11.79 33.08
N LEU A 245 2.93 -12.19 34.20
CA LEU A 245 1.59 -11.76 34.56
C LEU A 245 1.63 -10.78 35.73
N PHE A 246 0.78 -9.76 35.66
CA PHE A 246 0.59 -8.89 36.82
C PHE A 246 -0.28 -9.57 37.88
N HIS A 247 -1.18 -10.46 37.45
CA HIS A 247 -2.07 -11.18 38.35
C HIS A 247 -1.99 -12.66 38.04
N GLN A 248 -1.85 -13.47 39.07
CA GLN A 248 -1.71 -14.92 38.91
C GLN A 248 -3.07 -15.58 38.73
N ALA B 1 -21.25 26.86 -13.13
CA ALA B 1 -21.40 26.25 -11.82
C ALA B 1 -21.97 24.83 -11.94
N PRO B 2 -21.12 23.80 -11.81
CA PRO B 2 -19.68 23.83 -11.57
C PRO B 2 -18.85 23.96 -12.84
N THR B 3 -17.67 24.55 -12.74
CA THR B 3 -16.77 24.58 -13.87
C THR B 3 -16.34 23.16 -14.22
N LEU B 4 -16.02 22.95 -15.50
CA LEU B 4 -15.57 21.63 -15.92
C LEU B 4 -14.26 21.25 -15.24
N ILE B 5 -13.36 22.22 -15.08
CA ILE B 5 -12.05 21.93 -14.48
C ILE B 5 -12.22 21.53 -13.02
N SER B 6 -13.10 22.21 -12.29
CA SER B 6 -13.33 21.84 -10.90
C SER B 6 -13.84 20.41 -10.79
N LEU B 7 -14.56 19.94 -11.80
CA LEU B 7 -15.04 18.55 -11.78
C LEU B 7 -13.91 17.57 -12.03
N LEU B 8 -13.01 17.90 -12.96
CA LEU B 8 -11.85 17.03 -13.20
C LEU B 8 -11.01 16.89 -11.93
N GLU B 9 -10.92 17.96 -11.13
CA GLU B 9 -10.11 17.90 -9.91
C GLU B 9 -10.70 16.93 -8.89
N VAL B 10 -12.02 16.92 -8.73
CA VAL B 10 -12.63 16.10 -7.69
C VAL B 10 -12.73 14.63 -8.08
N ILE B 11 -12.70 14.31 -9.37
CA ILE B 11 -12.78 12.91 -9.81
C ILE B 11 -11.40 12.28 -10.04
N GLU B 12 -10.33 13.04 -9.87
CA GLU B 12 -9.00 12.49 -10.04
C GLU B 12 -8.79 11.34 -9.06
N PRO B 13 -8.36 10.16 -9.52
CA PRO B 13 -8.19 9.03 -8.59
C PRO B 13 -7.14 9.33 -7.52
N GLU B 14 -7.38 8.76 -6.34
CA GLU B 14 -6.40 8.82 -5.26
C GLU B 14 -5.25 7.87 -5.56
N VAL B 15 -4.06 8.24 -5.09
CA VAL B 15 -2.87 7.43 -5.36
C VAL B 15 -2.96 6.13 -4.56
N LEU B 16 -2.65 5.02 -5.22
CA LEU B 16 -2.67 3.71 -4.59
C LEU B 16 -1.26 3.32 -4.14
N TYR B 17 -1.21 2.46 -3.14
CA TYR B 17 0.05 1.94 -2.62
C TYR B 17 0.31 0.55 -3.17
N SER B 18 1.59 0.17 -3.21
CA SER B 18 2.01 -1.07 -3.83
C SER B 18 2.12 -2.23 -2.85
N GLY B 19 2.41 -1.95 -1.58
CA GLY B 19 2.67 -3.02 -0.64
C GLY B 19 3.99 -3.73 -0.85
N TYR B 20 4.88 -3.17 -1.68
CA TYR B 20 6.12 -3.84 -2.02
C TYR B 20 6.95 -4.14 -0.77
N ASP B 21 7.50 -5.35 -0.72
CA ASP B 21 8.34 -5.78 0.41
C ASP B 21 9.79 -5.53 0.03
N SER B 22 10.37 -4.47 0.59
CA SER B 22 11.75 -4.10 0.31
C SER B 22 12.71 -4.60 1.39
N THR B 23 12.28 -5.53 2.24
CA THR B 23 13.16 -6.08 3.26
C THR B 23 14.42 -6.66 2.65
N LEU B 24 14.28 -7.40 1.55
CA LEU B 24 15.38 -8.07 0.88
C LEU B 24 15.66 -7.43 -0.48
N PRO B 25 16.81 -7.72 -1.08
CA PRO B 25 17.19 -7.06 -2.33
C PRO B 25 16.13 -7.22 -3.40
N ASP B 26 16.03 -6.20 -4.26
CA ASP B 26 15.09 -6.24 -5.36
C ASP B 26 15.47 -7.29 -6.39
N THR B 27 14.47 -7.75 -7.12
CA THR B 27 14.68 -8.58 -8.31
C THR B 27 13.78 -8.05 -9.42
N SER B 28 14.25 -8.17 -10.66
CA SER B 28 13.46 -7.68 -11.79
C SER B 28 12.11 -8.38 -11.85
N THR B 29 12.07 -9.67 -11.49
CA THR B 29 10.81 -10.40 -11.53
C THR B 29 9.83 -9.90 -10.48
N ARG B 30 10.27 -9.83 -9.22
CA ARG B 30 9.38 -9.38 -8.15
C ARG B 30 8.94 -7.94 -8.38
N LEU B 31 9.83 -7.10 -8.93
CA LEU B 31 9.50 -5.69 -9.13
C LEU B 31 8.47 -5.53 -10.25
N MET B 32 8.68 -6.20 -11.38
CA MET B 32 7.73 -6.09 -12.48
C MET B 32 6.37 -6.68 -12.11
N SER B 33 6.37 -7.81 -11.39
CA SER B 33 5.12 -8.40 -10.95
C SER B 33 4.36 -7.48 -10.02
N THR B 34 5.06 -6.88 -9.05
CA THR B 34 4.41 -5.94 -8.14
C THR B 34 3.86 -4.75 -8.90
N LEU B 35 4.60 -4.25 -9.89
CA LEU B 35 4.14 -3.09 -10.65
C LEU B 35 2.90 -3.42 -11.47
N ASN B 36 2.85 -4.62 -12.06
CA ASN B 36 1.67 -5.02 -12.84
C ASN B 36 0.43 -5.11 -11.95
N ARG B 37 0.58 -5.67 -10.75
CA ARG B 37 -0.55 -5.71 -9.82
C ARG B 37 -1.02 -4.29 -9.49
N LEU B 38 -0.09 -3.40 -9.16
CA LEU B 38 -0.41 -2.00 -8.96
C LEU B 38 -1.05 -1.41 -10.20
N GLY B 39 -0.54 -1.76 -11.39
CA GLY B 39 -1.09 -1.21 -12.62
C GLY B 39 -2.53 -1.63 -12.85
N GLY B 40 -2.83 -2.92 -12.66
CA GLY B 40 -4.19 -3.37 -12.81
C GLY B 40 -5.16 -2.61 -11.93
N ARG B 41 -4.75 -2.31 -10.70
CA ARG B 41 -5.62 -1.58 -9.78
C ARG B 41 -5.79 -0.12 -10.21
N GLN B 42 -4.73 0.50 -10.74
CA GLN B 42 -4.83 1.87 -11.21
C GLN B 42 -5.74 1.96 -12.43
N VAL B 43 -5.72 0.95 -13.30
CA VAL B 43 -6.59 0.94 -14.47
C VAL B 43 -8.05 0.85 -14.04
N VAL B 44 -8.35 0.04 -13.03
CA VAL B 44 -9.71 -0.03 -12.51
C VAL B 44 -10.16 1.34 -12.03
N SER B 45 -9.29 2.04 -11.29
CA SER B 45 -9.61 3.41 -10.88
C SER B 45 -9.76 4.32 -12.09
N ALA B 46 -8.99 4.08 -13.15
CA ALA B 46 -9.09 4.90 -14.35
C ALA B 46 -10.45 4.72 -15.03
N VAL B 47 -10.96 3.49 -15.06
CA VAL B 47 -12.29 3.26 -15.61
C VAL B 47 -13.33 4.03 -14.81
N LYS B 48 -13.25 3.95 -13.49
CA LYS B 48 -14.14 4.74 -12.64
C LYS B 48 -14.02 6.22 -12.97
N TRP B 49 -12.79 6.70 -13.19
CA TRP B 49 -12.57 8.10 -13.53
C TRP B 49 -13.19 8.43 -14.89
N ALA B 50 -12.98 7.56 -15.88
CA ALA B 50 -13.50 7.83 -17.22
C ALA B 50 -15.03 7.89 -17.22
N LYS B 51 -15.68 7.02 -16.45
CA LYS B 51 -17.13 7.01 -16.42
C LYS B 51 -17.70 8.31 -15.87
N ALA B 52 -16.92 9.03 -15.04
CA ALA B 52 -17.39 10.27 -14.47
C ALA B 52 -17.06 11.49 -15.32
N LEU B 53 -16.29 11.32 -16.39
CA LEU B 53 -15.97 12.43 -17.28
C LEU B 53 -17.24 12.87 -18.02
N PRO B 54 -17.65 14.13 -17.91
CA PRO B 54 -18.80 14.59 -18.69
C PRO B 54 -18.64 14.27 -20.17
N GLY B 55 -19.67 13.67 -20.76
CA GLY B 55 -19.67 13.31 -22.14
C GLY B 55 -19.21 11.90 -22.46
N PHE B 56 -18.39 11.29 -21.59
CA PHE B 56 -17.80 10.00 -21.93
C PHE B 56 -18.86 8.92 -22.07
N ARG B 57 -19.84 8.89 -21.16
CA ARG B 57 -20.86 7.85 -21.21
C ARG B 57 -21.89 8.09 -22.31
N ASN B 58 -21.82 9.23 -23.01
CA ASN B 58 -22.63 9.40 -24.22
C ASN B 58 -22.10 8.60 -25.39
N LEU B 59 -20.91 8.01 -25.26
CA LEU B 59 -20.36 7.16 -26.30
C LEU B 59 -20.93 5.76 -26.21
N HIS B 60 -20.98 5.08 -27.36
CA HIS B 60 -21.34 3.67 -27.37
C HIS B 60 -20.41 2.89 -26.46
N LEU B 61 -20.96 1.88 -25.77
CA LEU B 61 -20.15 1.09 -24.84
C LEU B 61 -18.90 0.54 -25.50
N ASP B 62 -19.03 0.04 -26.72
CA ASP B 62 -17.87 -0.49 -27.43
C ASP B 62 -16.80 0.58 -27.64
N ASP B 63 -17.22 1.83 -27.84
CA ASP B 63 -16.26 2.92 -27.97
C ASP B 63 -15.61 3.26 -26.64
N GLN B 64 -16.39 3.28 -25.56
CA GLN B 64 -15.81 3.47 -24.24
C GLN B 64 -14.76 2.42 -23.96
N MET B 65 -15.02 1.18 -24.37
CA MET B 65 -14.06 0.10 -24.14
C MET B 65 -12.83 0.27 -25.01
N THR B 66 -13.02 0.59 -26.29
CA THR B 66 -11.88 0.79 -27.18
C THR B 66 -10.94 1.85 -26.64
N LEU B 67 -11.47 3.03 -26.30
CA LEU B 67 -10.62 4.14 -25.88
C LEU B 67 -9.80 3.77 -24.65
N LEU B 68 -10.44 3.19 -23.63
CA LEU B 68 -9.70 2.80 -22.44
C LEU B 68 -8.70 1.69 -22.75
N GLN B 69 -9.09 0.77 -23.64
CA GLN B 69 -8.20 -0.33 -24.01
C GLN B 69 -6.99 0.17 -24.78
N TYR B 70 -7.18 1.15 -25.66
CA TYR B 70 -6.09 1.64 -26.50
C TYR B 70 -5.17 2.63 -25.79
N SER B 71 -5.60 3.21 -24.67
CA SER B 71 -4.87 4.31 -24.05
C SER B 71 -4.46 4.07 -22.61
N TRP B 72 -4.70 2.88 -22.05
CA TRP B 72 -4.45 2.68 -20.63
C TRP B 72 -2.98 2.91 -20.27
N MET B 73 -2.06 2.47 -21.14
CA MET B 73 -0.64 2.65 -20.83
C MET B 73 -0.27 4.13 -20.81
N SER B 74 -0.79 4.91 -21.75
CA SER B 74 -0.46 6.33 -21.79
C SER B 74 -1.02 7.06 -20.57
N LEU B 75 -2.20 6.66 -20.11
CA LEU B 75 -2.76 7.26 -18.90
C LEU B 75 -1.88 6.95 -17.70
N MET B 76 -1.48 5.69 -17.53
CA MET B 76 -0.68 5.32 -16.37
C MET B 76 0.69 6.00 -16.41
N ALA B 77 1.32 6.05 -17.58
CA ALA B 77 2.64 6.67 -17.69
C ALA B 77 2.57 8.18 -17.47
N PHE B 78 1.50 8.81 -17.96
CA PHE B 78 1.34 10.26 -17.78
C PHE B 78 1.12 10.59 -16.31
N SER B 79 0.32 9.79 -15.61
CA SER B 79 0.10 10.03 -14.19
C SER B 79 1.37 9.76 -13.38
N LEU B 80 2.11 8.72 -13.75
CA LEU B 80 3.41 8.48 -13.13
C LEU B 80 4.33 9.69 -13.32
N GLY B 81 4.39 10.22 -14.54
CA GLY B 81 5.19 11.41 -14.78
C GLY B 81 4.81 12.55 -13.86
N TRP B 82 3.51 12.73 -13.62
CA TRP B 82 3.06 13.83 -12.77
C TRP B 82 3.47 13.61 -11.32
N ARG B 83 3.22 12.41 -10.79
CA ARG B 83 3.60 12.10 -9.42
C ARG B 83 5.10 12.28 -9.22
N SER B 84 5.90 11.85 -10.20
CA SER B 84 7.35 12.00 -10.10
C SER B 84 7.77 13.46 -10.17
N TYR B 85 7.03 14.27 -10.93
CA TYR B 85 7.34 15.70 -11.04
C TYR B 85 7.08 16.42 -9.73
N LYS B 86 5.99 16.08 -9.03
CA LYS B 86 5.63 16.77 -7.80
C LYS B 86 6.40 16.24 -6.59
N GLN B 87 6.82 14.98 -6.63
CA GLN B 87 7.49 14.38 -5.48
C GLN B 87 9.00 14.61 -5.50
N SER B 88 9.65 14.45 -6.66
CA SER B 88 11.10 14.52 -6.75
C SER B 88 11.58 15.41 -7.89
N ASN B 89 10.70 16.24 -8.47
CA ASN B 89 11.08 17.13 -9.57
C ASN B 89 11.60 16.33 -10.77
N GLY B 90 11.15 15.09 -10.92
CA GLY B 90 11.54 14.26 -12.04
C GLY B 90 12.83 13.49 -11.84
N ASN B 91 13.37 13.45 -10.62
CA ASN B 91 14.62 12.72 -10.38
C ASN B 91 14.37 11.24 -10.14
N MET B 92 13.20 10.88 -9.62
CA MET B 92 12.85 9.49 -9.32
C MET B 92 11.46 9.20 -9.85
N LEU B 93 11.20 7.92 -10.12
CA LEU B 93 9.89 7.47 -10.58
C LEU B 93 9.06 7.07 -9.37
N CYS B 94 8.01 7.83 -9.08
CA CYS B 94 7.14 7.58 -7.93
C CYS B 94 5.95 6.74 -8.38
N PHE B 95 6.21 5.45 -8.60
CA PHE B 95 5.13 4.52 -8.91
C PHE B 95 4.08 4.53 -7.80
N ALA B 96 4.52 4.57 -6.56
CA ALA B 96 3.65 4.67 -5.41
C ALA B 96 4.45 5.22 -4.25
N PRO B 97 3.79 5.79 -3.23
CA PRO B 97 4.54 6.34 -2.09
C PRO B 97 5.46 5.33 -1.42
N ASP B 98 5.14 4.04 -1.49
CA ASP B 98 5.95 2.99 -0.88
C ASP B 98 6.77 2.22 -1.93
N LEU B 99 6.92 2.78 -3.13
CA LEU B 99 7.69 2.14 -4.19
C LEU B 99 8.23 3.23 -5.11
N VAL B 100 9.34 3.85 -4.69
CA VAL B 100 10.03 4.88 -5.45
C VAL B 100 11.25 4.25 -6.10
N ILE B 101 11.43 4.50 -7.40
CA ILE B 101 12.50 3.90 -8.18
C ILE B 101 13.49 5.01 -8.53
N ASN B 102 14.62 5.05 -7.82
CA ASN B 102 15.68 5.99 -8.13
C ASN B 102 16.61 5.38 -9.19
N GLU B 103 17.62 6.16 -9.59
CA GLU B 103 18.54 5.70 -10.63
C GLU B 103 19.25 4.42 -10.22
N GLU B 104 19.37 4.15 -8.92
CA GLU B 104 20.00 2.92 -8.45
C GLU B 104 19.16 1.71 -8.83
N ARG B 105 17.88 1.70 -8.43
CA ARG B 105 17.03 0.54 -8.65
C ARG B 105 16.69 0.31 -10.11
N MET B 106 16.89 1.31 -10.97
CA MET B 106 16.70 1.11 -12.40
C MET B 106 17.77 0.22 -13.01
N GLN B 107 18.88 0.01 -12.31
CA GLN B 107 19.99 -0.80 -12.82
C GLN B 107 19.71 -2.30 -12.74
N LEU B 108 18.50 -2.72 -13.09
CA LEU B 108 18.11 -4.12 -13.12
C LEU B 108 17.78 -4.54 -14.54
N PRO B 109 17.91 -5.83 -14.86
CA PRO B 109 17.55 -6.27 -16.21
C PRO B 109 16.10 -5.94 -16.52
N TYR B 110 15.85 -5.56 -17.77
CA TYR B 110 14.51 -5.27 -18.27
C TYR B 110 13.95 -3.95 -17.74
N MET B 111 14.60 -3.36 -16.73
CA MET B 111 14.07 -2.17 -16.09
C MET B 111 14.59 -0.87 -16.69
N TYR B 112 15.87 -0.82 -17.06
CA TYR B 112 16.53 0.46 -17.27
C TYR B 112 15.93 1.22 -18.45
N ASP B 113 15.84 0.59 -19.62
CA ASP B 113 15.39 1.30 -20.80
C ASP B 113 13.98 1.85 -20.62
N GLN B 114 13.08 1.08 -20.03
CA GLN B 114 11.70 1.54 -19.87
C GLN B 114 11.61 2.65 -18.84
N CYS B 115 12.39 2.56 -17.77
CA CYS B 115 12.34 3.59 -16.73
C CYS B 115 12.94 4.91 -17.23
N GLN B 116 13.97 4.85 -18.07
CA GLN B 116 14.51 6.08 -18.66
C GLN B 116 13.48 6.76 -19.55
N GLN B 117 12.68 5.98 -20.27
CA GLN B 117 11.64 6.55 -21.12
C GLN B 117 10.58 7.26 -20.28
N MET B 118 10.29 6.74 -19.09
CA MET B 118 9.28 7.36 -18.23
C MET B 118 9.83 8.57 -17.49
N LEU B 119 11.14 8.59 -17.18
CA LEU B 119 11.74 9.80 -16.67
C LEU B 119 11.62 10.95 -17.66
N LYS B 120 11.72 10.65 -18.96
CA LYS B 120 11.61 11.68 -19.98
C LYS B 120 10.24 12.35 -19.94
N ILE B 121 9.19 11.60 -19.61
CA ILE B 121 7.87 12.18 -19.47
C ILE B 121 7.85 13.16 -18.31
N SER B 122 8.41 12.77 -17.17
CA SER B 122 8.43 13.66 -16.01
C SER B 122 9.26 14.91 -16.28
N SER B 123 10.36 14.78 -17.02
CA SER B 123 11.19 15.93 -17.32
C SER B 123 10.49 16.93 -18.21
N GLU B 124 9.50 16.49 -19.00
CA GLU B 124 8.74 17.43 -19.81
C GLU B 124 7.86 18.32 -18.95
N PHE B 125 7.26 17.76 -17.91
CA PHE B 125 6.54 18.60 -16.95
C PHE B 125 7.46 19.64 -16.34
N VAL B 126 8.71 19.25 -16.04
CA VAL B 126 9.68 20.18 -15.47
C VAL B 126 10.00 21.29 -16.48
N ARG B 127 10.39 20.91 -17.69
CA ARG B 127 10.78 21.90 -18.70
C ARG B 127 9.65 22.88 -18.97
N LEU B 128 8.42 22.39 -19.12
CA LEU B 128 7.29 23.22 -19.48
C LEU B 128 6.58 23.82 -18.26
N GLN B 129 6.92 23.39 -17.05
CA GLN B 129 6.27 23.91 -15.84
C GLN B 129 4.75 23.75 -15.93
N VAL B 130 4.32 22.52 -16.19
CA VAL B 130 2.91 22.24 -16.40
C VAL B 130 2.15 22.46 -15.09
N SER B 131 1.00 23.13 -15.19
CA SER B 131 0.13 23.30 -14.04
C SER B 131 -0.74 22.06 -13.83
N TYR B 132 -1.35 21.98 -12.65
CA TYR B 132 -2.20 20.83 -12.35
C TYR B 132 -3.41 20.80 -13.30
N ASP B 133 -4.03 21.96 -13.55
CA ASP B 133 -5.18 22.00 -14.43
C ASP B 133 -4.79 21.67 -15.87
N GLU B 134 -3.65 22.17 -16.33
CA GLU B 134 -3.14 21.76 -17.63
C GLU B 134 -2.96 20.25 -17.69
N TYR B 135 -2.41 19.66 -16.63
CA TYR B 135 -2.19 18.21 -16.61
C TYR B 135 -3.51 17.44 -16.65
N LEU B 136 -4.51 17.91 -15.91
CA LEU B 136 -5.80 17.20 -15.90
C LEU B 136 -6.44 17.24 -17.27
N CYS B 137 -6.35 18.38 -17.97
CA CYS B 137 -6.96 18.48 -19.30
C CYS B 137 -6.20 17.63 -20.30
N MET B 138 -4.87 17.63 -20.25
CA MET B 138 -4.08 16.81 -21.15
C MET B 138 -4.36 15.33 -20.93
N LYS B 139 -4.60 14.91 -19.69
CA LYS B 139 -4.81 13.49 -19.42
C LYS B 139 -6.12 13.01 -20.03
N VAL B 140 -7.15 13.85 -20.04
CA VAL B 140 -8.39 13.49 -20.72
C VAL B 140 -8.14 13.31 -22.21
N LEU B 141 -7.33 14.19 -22.80
CA LEU B 141 -7.06 14.11 -24.23
C LEU B 141 -6.30 12.84 -24.58
N LEU B 142 -5.44 12.34 -23.67
CA LEU B 142 -4.80 11.05 -23.90
C LEU B 142 -5.83 9.94 -24.03
N LEU B 143 -6.83 9.93 -23.14
CA LEU B 143 -7.90 8.95 -23.25
C LEU B 143 -8.58 9.02 -24.62
N LEU B 144 -8.52 10.18 -25.28
CA LEU B 144 -9.18 10.40 -26.56
C LEU B 144 -8.19 10.60 -27.70
N SER B 145 -7.03 9.93 -27.64
CA SER B 145 -5.97 10.15 -28.60
C SER B 145 -5.60 8.91 -29.42
N THR B 146 -6.20 7.76 -29.14
CA THR B 146 -5.89 6.53 -29.87
C THR B 146 -7.20 5.85 -30.24
N VAL B 147 -7.44 5.65 -31.53
CA VAL B 147 -8.71 5.13 -32.02
C VAL B 147 -8.48 4.05 -33.05
N PRO B 148 -9.49 3.25 -33.39
CA PRO B 148 -9.32 2.27 -34.47
C PRO B 148 -9.15 2.96 -35.81
N LYS B 149 -8.36 2.33 -36.68
CA LYS B 149 -8.21 2.84 -38.04
C LYS B 149 -9.55 2.93 -38.75
N ASP B 150 -10.48 2.05 -38.42
CA ASP B 150 -11.80 2.02 -39.03
C ASP B 150 -12.80 2.94 -38.33
N GLY B 151 -12.35 3.74 -37.37
CA GLY B 151 -13.21 4.69 -36.70
C GLY B 151 -14.04 4.06 -35.60
N LEU B 152 -14.72 4.92 -34.85
CA LEU B 152 -15.55 4.51 -33.73
C LEU B 152 -17.00 4.34 -34.18
N LYS B 153 -17.81 3.74 -33.31
CA LYS B 153 -19.22 3.55 -33.60
C LYS B 153 -20.02 4.84 -33.46
N SER B 154 -19.59 5.74 -32.57
CA SER B 154 -20.23 7.04 -32.37
C SER B 154 -19.19 8.12 -32.61
N GLN B 155 -18.76 8.26 -33.88
CA GLN B 155 -17.70 9.19 -34.22
C GLN B 155 -18.12 10.63 -33.99
N ALA B 156 -19.37 10.97 -34.30
CA ALA B 156 -19.85 12.34 -34.13
C ALA B 156 -19.74 12.76 -32.66
N VAL B 157 -20.24 11.92 -31.75
CA VAL B 157 -20.14 12.22 -30.32
C VAL B 157 -18.67 12.35 -29.92
N PHE B 158 -17.83 11.42 -30.39
CA PHE B 158 -16.41 11.44 -30.04
C PHE B 158 -15.76 12.75 -30.48
N ASP B 159 -15.98 13.16 -31.72
CA ASP B 159 -15.34 14.37 -32.22
C ASP B 159 -15.71 15.59 -31.36
N GLU B 160 -16.95 15.65 -30.89
CA GLU B 160 -17.39 16.82 -30.14
C GLU B 160 -16.83 16.80 -28.71
N ILE B 161 -16.78 15.63 -28.07
CA ILE B 161 -16.22 15.56 -26.73
C ILE B 161 -14.73 15.89 -26.76
N ARG B 162 -14.02 15.45 -27.80
CA ARG B 162 -12.59 15.75 -27.90
C ARG B 162 -12.37 17.26 -28.03
N MET B 163 -13.25 17.95 -28.76
CA MET B 163 -13.10 19.40 -28.88
C MET B 163 -13.48 20.11 -27.58
N THR B 164 -14.42 19.55 -26.82
CA THR B 164 -14.78 20.14 -25.54
C THR B 164 -13.57 20.22 -24.61
N TYR B 165 -12.73 19.19 -24.61
CA TYR B 165 -11.59 19.16 -23.72
C TYR B 165 -10.34 19.81 -24.32
N ILE B 166 -10.26 19.92 -25.64
CA ILE B 166 -9.28 20.81 -26.26
C ILE B 166 -9.55 22.24 -25.82
N LYS B 167 -10.82 22.65 -25.84
CA LYS B 167 -11.19 23.97 -25.35
C LYS B 167 -10.85 24.12 -23.88
N GLU B 168 -11.09 23.07 -23.09
CA GLU B 168 -10.83 23.16 -21.65
C GLU B 168 -9.34 23.35 -21.39
N LEU B 169 -8.49 22.64 -22.12
CA LEU B 169 -7.04 22.87 -22.00
C LEU B 169 -6.70 24.32 -22.29
N GLY B 170 -7.31 24.90 -23.33
CA GLY B 170 -7.09 26.31 -23.61
C GLY B 170 -7.44 27.20 -22.45
N LYS B 171 -8.56 26.91 -21.78
CA LYS B 171 -8.95 27.70 -20.63
C LYS B 171 -7.96 27.53 -19.48
N ALA B 172 -7.42 26.33 -19.31
CA ALA B 172 -6.37 26.13 -18.31
C ALA B 172 -5.14 26.98 -18.66
N ILE B 173 -4.84 27.12 -19.94
CA ILE B 173 -3.71 27.95 -20.37
C ILE B 173 -3.96 29.41 -20.04
N VAL B 174 -5.16 29.91 -20.37
CA VAL B 174 -5.47 31.33 -20.20
C VAL B 174 -5.32 31.73 -18.73
N LYS B 175 -5.50 30.79 -17.80
CA LYS B 175 -5.35 31.11 -16.38
C LYS B 175 -3.93 31.53 -16.04
N ARG B 176 -2.95 31.19 -16.86
CA ARG B 176 -1.57 31.61 -16.61
C ARG B 176 -1.35 33.10 -16.87
N GLU B 177 -2.39 33.82 -17.31
CA GLU B 177 -2.37 35.27 -17.47
C GLU B 177 -1.45 35.73 -18.61
N GLY B 178 -1.21 34.87 -19.60
CA GLY B 178 -0.48 35.28 -20.77
C GLY B 178 -1.36 35.99 -21.79
N ASN B 179 -0.72 36.58 -22.79
CA ASN B 179 -1.44 37.27 -23.84
C ASN B 179 -1.81 36.26 -24.94
N SER B 180 -2.43 36.77 -26.01
CA SER B 180 -2.92 35.90 -27.08
C SER B 180 -1.76 35.13 -27.73
N SER B 181 -0.72 35.85 -28.14
CA SER B 181 0.39 35.19 -28.81
C SER B 181 1.06 34.16 -27.90
N GLN B 182 1.17 34.48 -26.60
CA GLN B 182 1.75 33.53 -25.67
C GLN B 182 0.86 32.31 -25.48
N ASN B 183 -0.45 32.51 -25.36
CA ASN B 183 -1.36 31.38 -25.14
C ASN B 183 -1.32 30.40 -26.30
N TRP B 184 -1.16 30.89 -27.53
CA TRP B 184 -1.11 29.99 -28.67
C TRP B 184 0.20 29.21 -28.71
N GLN B 185 1.31 29.86 -28.37
CA GLN B 185 2.58 29.15 -28.30
C GLN B 185 2.58 28.13 -27.16
N ARG B 186 1.97 28.49 -26.03
CA ARG B 186 1.80 27.52 -24.94
C ARG B 186 0.97 26.33 -25.40
N PHE B 187 -0.15 26.61 -26.09
CA PHE B 187 -0.97 25.52 -26.62
C PHE B 187 -0.17 24.65 -27.59
N TYR B 188 0.67 25.27 -28.41
CA TYR B 188 1.52 24.51 -29.33
C TYR B 188 2.45 23.57 -28.56
N GLN B 189 3.11 24.09 -27.52
CA GLN B 189 4.06 23.26 -26.78
C GLN B 189 3.37 22.08 -26.13
N LEU B 190 2.15 22.28 -25.61
CA LEU B 190 1.47 21.20 -24.89
C LEU B 190 0.92 20.15 -25.86
N THR B 191 0.41 20.58 -27.03
CA THR B 191 -0.04 19.61 -28.02
C THR B 191 1.12 18.86 -28.65
N LYS B 192 2.33 19.43 -28.63
CA LYS B 192 3.51 18.67 -29.04
C LYS B 192 3.85 17.61 -28.01
N LEU B 193 3.74 17.95 -26.72
CA LEU B 193 3.96 16.97 -25.67
C LEU B 193 2.99 15.81 -25.79
N LEU B 194 1.71 16.09 -26.04
CA LEU B 194 0.73 15.02 -26.21
C LEU B 194 1.10 14.13 -27.39
N ASP B 195 1.52 14.72 -28.51
CA ASP B 195 1.90 13.92 -29.66
C ASP B 195 3.08 13.01 -29.35
N SER B 196 4.07 13.53 -28.62
CA SER B 196 5.24 12.74 -28.30
C SER B 196 4.91 11.54 -27.41
N MET B 197 3.78 11.57 -26.71
CA MET B 197 3.40 10.44 -25.85
C MET B 197 3.21 9.17 -26.67
N HIS B 198 2.78 9.29 -27.93
CA HIS B 198 2.52 8.09 -28.71
C HIS B 198 3.79 7.28 -28.93
N GLU B 199 4.90 7.95 -29.21
CA GLU B 199 6.16 7.25 -29.43
C GLU B 199 6.75 6.77 -28.11
N MET B 200 6.74 7.62 -27.08
CA MET B 200 7.30 7.23 -25.79
C MET B 200 6.51 6.08 -25.17
N VAL B 201 5.19 6.09 -25.34
CA VAL B 201 4.37 4.97 -24.85
C VAL B 201 4.50 3.75 -25.73
N GLY B 202 4.88 3.91 -27.01
CA GLY B 202 5.02 2.76 -27.88
C GLY B 202 6.01 1.75 -27.34
N GLY B 203 7.20 2.20 -26.98
CA GLY B 203 8.21 1.31 -26.43
C GLY B 203 7.79 0.66 -25.13
N LEU B 204 7.03 1.38 -24.31
CA LEU B 204 6.51 0.80 -23.07
C LEU B 204 5.54 -0.33 -23.36
N LEU B 205 4.66 -0.14 -24.35
CA LEU B 205 3.68 -1.17 -24.69
C LEU B 205 4.35 -2.35 -25.37
N GLN B 206 5.27 -2.09 -26.30
CA GLN B 206 6.00 -3.18 -26.94
C GLN B 206 6.68 -4.07 -25.90
N PHE B 207 7.24 -3.46 -24.86
CA PHE B 207 7.92 -4.26 -23.84
C PHE B 207 6.93 -4.95 -22.92
N CYS B 208 5.81 -4.30 -22.63
CA CYS B 208 4.76 -4.95 -21.85
C CYS B 208 4.27 -6.22 -22.54
N PHE B 209 4.00 -6.13 -23.85
CA PHE B 209 3.62 -7.32 -24.61
C PHE B 209 4.71 -8.38 -24.53
N TYR B 210 5.98 -7.96 -24.61
CA TYR B 210 7.07 -8.93 -24.59
C TYR B 210 7.06 -9.73 -23.30
N THR B 211 6.96 -9.06 -22.15
CA THR B 211 6.94 -9.75 -20.87
C THR B 211 5.67 -10.57 -20.68
N PHE B 212 4.57 -10.20 -21.36
CA PHE B 212 3.32 -10.94 -21.21
C PHE B 212 3.32 -12.22 -22.05
N VAL B 213 3.92 -12.19 -23.24
CA VAL B 213 3.88 -13.35 -24.13
C VAL B 213 4.93 -14.37 -23.72
N ASN B 214 6.17 -13.92 -23.46
CA ASN B 214 7.25 -14.83 -23.09
C ASN B 214 7.14 -15.12 -21.60
N LYS B 215 6.43 -16.19 -21.28
CA LYS B 215 6.18 -16.55 -19.88
C LYS B 215 7.37 -17.22 -19.21
N SER B 216 8.49 -17.37 -19.91
CA SER B 216 9.71 -17.85 -19.26
C SER B 216 10.26 -16.84 -18.27
N LEU B 217 9.90 -15.56 -18.41
CA LEU B 217 10.38 -14.53 -17.50
C LEU B 217 9.70 -14.58 -16.14
N SER B 218 8.62 -15.35 -16.00
CA SER B 218 7.91 -15.50 -14.73
C SER B 218 7.36 -14.17 -14.22
N VAL B 219 6.97 -13.30 -15.13
CA VAL B 219 6.35 -12.02 -14.78
C VAL B 219 4.85 -12.23 -14.64
N GLU B 220 4.30 -11.85 -13.50
CA GLU B 220 2.88 -12.04 -13.22
C GLU B 220 2.08 -10.81 -13.65
N PHE B 221 0.93 -11.06 -14.26
CA PHE B 221 -0.01 -10.03 -14.65
C PHE B 221 -1.36 -10.27 -13.98
N PRO B 222 -2.03 -9.22 -13.49
CA PRO B 222 -3.39 -9.40 -12.98
C PRO B 222 -4.37 -9.66 -14.11
N GLU B 223 -5.50 -10.27 -13.74
CA GLU B 223 -6.50 -10.64 -14.74
C GLU B 223 -6.95 -9.43 -15.54
N MET B 224 -7.14 -8.29 -14.88
CA MET B 224 -7.56 -7.07 -15.57
C MET B 224 -6.63 -6.75 -16.75
N LEU B 225 -5.32 -6.75 -16.50
CA LEU B 225 -4.37 -6.42 -17.57
C LEU B 225 -4.21 -7.57 -18.55
N ALA B 226 -4.22 -8.81 -18.05
CA ALA B 226 -4.10 -9.96 -18.95
C ALA B 226 -5.20 -9.94 -20.01
N GLU B 227 -6.44 -9.66 -19.59
CA GLU B 227 -7.54 -9.62 -20.54
C GLU B 227 -7.37 -8.50 -21.56
N ILE B 228 -6.99 -7.32 -21.09
CA ILE B 228 -6.80 -6.18 -21.99
C ILE B 228 -5.63 -6.44 -22.93
N ILE B 229 -4.51 -6.90 -22.40
CA ILE B 229 -3.32 -7.10 -23.22
C ILE B 229 -3.60 -8.11 -24.33
N SER B 230 -4.17 -9.26 -23.97
CA SER B 230 -4.40 -10.31 -24.96
C SER B 230 -5.36 -9.85 -26.04
N ASN B 231 -6.41 -9.12 -25.66
CA ASN B 231 -7.35 -8.60 -26.64
C ASN B 231 -6.73 -7.49 -27.47
N GLN B 232 -5.84 -6.69 -26.87
CA GLN B 232 -5.21 -5.57 -27.55
C GLN B 232 -4.06 -5.99 -28.44
N LEU B 233 -3.49 -7.18 -28.22
CA LEU B 233 -2.27 -7.56 -28.91
C LEU B 233 -2.48 -7.76 -30.42
N PRO B 234 -3.43 -8.58 -30.87
CA PRO B 234 -3.57 -8.78 -32.32
C PRO B 234 -3.93 -7.53 -33.08
N LYS B 235 -4.45 -6.49 -32.40
CA LYS B 235 -4.82 -5.26 -33.10
C LYS B 235 -3.59 -4.44 -33.48
N PHE B 236 -2.54 -4.48 -32.67
CA PHE B 236 -1.35 -3.69 -32.96
C PHE B 236 -0.55 -4.31 -34.09
N LYS B 237 -0.21 -5.60 -33.98
CA LYS B 237 0.52 -6.27 -35.05
C LYS B 237 -0.25 -6.27 -36.36
N ALA B 238 -1.57 -6.04 -36.33
CA ALA B 238 -2.36 -5.90 -37.54
C ALA B 238 -2.31 -4.48 -38.10
N GLY B 239 -1.77 -3.53 -37.35
CA GLY B 239 -1.68 -2.15 -37.82
C GLY B 239 -3.03 -1.47 -37.94
N SER B 240 -3.93 -1.71 -37.00
CA SER B 240 -5.27 -1.12 -37.02
C SER B 240 -5.47 -0.08 -35.93
N VAL B 241 -4.40 0.31 -35.22
CA VAL B 241 -4.47 1.34 -34.19
C VAL B 241 -3.95 2.64 -34.79
N LYS B 242 -4.76 3.69 -34.73
CA LYS B 242 -4.42 4.98 -35.32
C LYS B 242 -4.28 6.04 -34.23
N PRO B 243 -3.11 6.62 -34.03
CA PRO B 243 -3.01 7.75 -33.09
C PRO B 243 -3.52 9.03 -33.71
N LEU B 244 -4.15 9.87 -32.88
CA LEU B 244 -4.64 11.18 -33.30
C LEU B 244 -3.62 12.23 -32.91
N LEU B 245 -3.07 12.92 -33.91
CA LEU B 245 -2.01 13.90 -33.70
C LEU B 245 -2.53 15.30 -33.99
N PHE B 246 -2.08 16.26 -33.18
CA PHE B 246 -2.34 17.66 -33.48
C PHE B 246 -1.44 18.16 -34.60
N HIS B 247 -0.26 17.58 -34.74
CA HIS B 247 0.70 17.95 -35.77
C HIS B 247 1.17 16.70 -36.49
N GLN B 248 1.24 16.78 -37.82
CA GLN B 248 1.65 15.63 -38.63
C GLN B 248 3.16 15.61 -38.82
N ALA C 1 -14.00 -9.69 -25.94
CA ALA C 1 -13.98 -8.49 -25.11
C ALA C 1 -13.48 -8.80 -23.70
N PRO C 2 -12.61 -7.94 -23.18
CA PRO C 2 -12.13 -8.13 -21.79
C PRO C 2 -13.27 -7.99 -20.81
N ALA C 3 -13.52 -9.08 -20.05
CA ALA C 3 -14.72 -9.17 -19.24
C ALA C 3 -14.73 -8.14 -18.12
N ILE C 4 -13.64 -8.06 -17.35
CA ILE C 4 -13.62 -7.15 -16.21
C ILE C 4 -13.86 -5.72 -16.65
N LEU C 5 -13.19 -5.29 -17.71
CA LEU C 5 -13.39 -3.94 -18.21
C LEU C 5 -14.85 -3.69 -18.59
N TYR C 6 -15.46 -4.64 -19.30
CA TYR C 6 -16.85 -4.47 -19.73
C TYR C 6 -17.78 -4.44 -18.52
N ALA C 7 -17.51 -5.29 -17.52
CA ALA C 7 -18.35 -5.29 -16.32
C ALA C 7 -18.31 -3.93 -15.63
N LEU C 8 -17.12 -3.32 -15.54
CA LEU C 8 -17.01 -2.00 -14.93
C LEU C 8 -17.84 -0.98 -15.70
N LEU C 9 -17.75 -0.99 -17.03
CA LEU C 9 -18.45 -0.01 -17.84
C LEU C 9 -19.95 -0.26 -17.91
N SER C 10 -20.38 -1.51 -17.71
CA SER C 10 -21.80 -1.84 -17.81
C SER C 10 -22.56 -1.47 -16.55
N SER C 11 -21.92 -1.62 -15.38
CA SER C 11 -22.57 -1.32 -14.11
C SER C 11 -22.17 0.07 -13.62
N ALA D 1 19.79 -18.65 14.98
CA ALA D 1 19.15 -17.36 15.16
C ALA D 1 18.59 -16.83 13.85
N PRO D 2 17.43 -16.16 13.91
CA PRO D 2 16.85 -15.57 12.70
C PRO D 2 17.74 -14.46 12.15
N ALA D 3 18.29 -14.68 10.96
CA ALA D 3 19.33 -13.80 10.43
C ALA D 3 18.83 -12.37 10.25
N ILE D 4 17.70 -12.20 9.56
CA ILE D 4 17.20 -10.85 9.27
C ILE D 4 16.98 -10.09 10.57
N LEU D 5 16.34 -10.71 11.55
CA LEU D 5 16.12 -10.04 12.83
C LEU D 5 17.43 -9.64 13.48
N TYR D 6 18.42 -10.54 13.48
CA TYR D 6 19.71 -10.22 14.09
C TYR D 6 20.43 -9.12 13.33
N ALA D 7 20.39 -9.17 12.00
CA ALA D 7 21.01 -8.12 11.19
C ALA D 7 20.42 -6.76 11.54
N LEU D 8 19.11 -6.68 11.77
CA LEU D 8 18.49 -5.41 12.12
C LEU D 8 18.98 -4.90 13.46
N LEU D 9 19.15 -5.80 14.44
CA LEU D 9 19.46 -5.36 15.79
C LEU D 9 20.93 -4.96 15.96
N SER D 10 21.83 -5.59 15.21
CA SER D 10 23.25 -5.25 15.26
C SER D 10 23.64 -4.22 14.20
N SER D 11 22.67 -3.68 13.48
CA SER D 11 22.95 -2.66 12.46
C SER D 11 23.93 -3.18 11.41
#